data_8XQI
#
_entry.id   8XQI
#
_cell.length_a   1.00
_cell.length_b   1.00
_cell.length_c   1.00
_cell.angle_alpha   90.00
_cell.angle_beta   90.00
_cell.angle_gamma   90.00
#
_symmetry.space_group_name_H-M   'P 1'
#
loop_
_entity.id
_entity.type
_entity.pdbx_description
1 polymer 'Soluble cytochrome b562,Apelin receptor'
2 non-polymer CHOLESTEROL
#
_entity_poly.entity_id   1
_entity_poly.type   'polypeptide(L)'
_entity_poly.pdbx_seq_one_letter_code
;MKTIIALSYIFCLVFADYKDDDDKHHHHHHHHHHLEVLFQGPADLEDNWETLNDNLKVIEKADNAAQVKDALTKMRAAAL
DAQKATPPKLEDKSPDSPEMKDFRHGFDILVGQIDDALKLANEGKVKEAQAAAEQLKTTRNAYIQKYLEEGGDFDNYYGA
DNQSECEYTDWKSSGALIPAIYMLVFLLGTTGNGLVLWTVFRSSREKRRSADIFIASLAVADLTFVVTLPLWATYTYRDY
DWPFGTFFCKLSSYLIFVNMYASVFCLTGLSFDRYLAIVRPVANARLRLRVSGAVATAVLWVLAALLAMPVMVLRTTGDL
ENTTKVQCYMDYSMVATVSSEWAWEVGLGVSSTTVGFVVPFTIMLTCYFFIAQTIAGHFRKERIEGLRKRRRLLSIIVVL
VVTFALCWMPYHLVKTLYMLGSLLHWPCDFDLFLMNIFPYCTCISYVNSCLNPFLYAFFDPRFRQACTSMLCCGQSR
;
_entity_poly.pdbx_strand_id   A,B
#
loop_
_chem_comp.id
_chem_comp.type
_chem_comp.name
_chem_comp.formula
CLR non-polymer CHOLESTEROL 'C27 H46 O'
#
# COMPACT_ATOMS: atom_id res chain seq x y z
N TRP A 171 -15.49 4.57 33.32
CA TRP A 171 -16.66 3.72 33.45
C TRP A 171 -16.89 2.93 32.17
N LYS A 172 -17.59 1.81 32.30
CA LYS A 172 -17.97 0.99 31.15
C LYS A 172 -16.75 0.58 30.34
N SER A 173 -15.90 -0.27 30.92
CA SER A 173 -14.70 -0.74 30.23
C SER A 173 -15.00 -1.21 28.81
N SER A 174 -16.24 -1.63 28.55
CA SER A 174 -16.79 -1.88 27.22
C SER A 174 -16.19 -3.10 26.53
N GLY A 175 -15.21 -3.77 27.13
CA GLY A 175 -14.61 -4.94 26.51
C GLY A 175 -13.95 -4.65 25.18
N ALA A 176 -14.56 -5.10 24.10
CA ALA A 176 -14.01 -4.95 22.76
C ALA A 176 -14.89 -4.11 21.84
N LEU A 177 -15.66 -3.18 22.40
CA LEU A 177 -16.53 -2.35 21.57
C LEU A 177 -15.71 -1.45 20.64
N ILE A 178 -14.71 -0.76 21.19
CA ILE A 178 -13.86 0.11 20.38
C ILE A 178 -13.10 -0.68 19.31
N PRO A 179 -12.42 -1.78 19.63
CA PRO A 179 -11.79 -2.56 18.54
C PRO A 179 -12.77 -3.09 17.51
N ALA A 180 -13.95 -3.52 17.95
CA ALA A 180 -14.94 -4.04 17.00
C ALA A 180 -15.41 -2.94 16.06
N ILE A 181 -15.66 -1.75 16.59
CA ILE A 181 -16.09 -0.64 15.74
C ILE A 181 -14.95 -0.22 14.82
N TYR A 182 -13.71 -0.26 15.31
CA TYR A 182 -12.58 0.05 14.45
C TYR A 182 -12.48 -0.93 13.29
N MET A 183 -12.67 -2.22 13.57
CA MET A 183 -12.61 -3.24 12.52
C MET A 183 -13.74 -3.05 11.52
N LEU A 184 -14.96 -2.80 12.02
CA LEU A 184 -16.09 -2.57 11.14
C LEU A 184 -15.87 -1.36 10.26
N VAL A 185 -15.34 -0.27 10.84
CA VAL A 185 -15.05 0.92 10.05
C VAL A 185 -13.96 0.63 9.04
N PHE A 186 -12.98 -0.20 9.41
CA PHE A 186 -11.96 -0.60 8.44
C PHE A 186 -12.61 -1.26 7.22
N LEU A 187 -13.44 -2.27 7.45
CA LEU A 187 -14.03 -2.99 6.31
C LEU A 187 -14.94 -2.07 5.49
N LEU A 188 -15.89 -1.40 6.14
CA LEU A 188 -16.85 -0.59 5.40
C LEU A 188 -16.19 0.62 4.75
N GLY A 189 -15.25 1.27 5.44
CA GLY A 189 -14.55 2.38 4.84
C GLY A 189 -13.71 1.97 3.65
N THR A 190 -12.96 0.87 3.78
CA THR A 190 -12.20 0.38 2.65
C THR A 190 -13.10 0.10 1.45
N THR A 191 -14.16 -0.68 1.66
CA THR A 191 -15.05 -1.03 0.55
C THR A 191 -15.73 0.19 -0.05
N GLY A 192 -16.33 1.04 0.78
CA GLY A 192 -17.08 2.17 0.27
C GLY A 192 -16.21 3.22 -0.38
N ASN A 193 -15.04 3.49 0.23
CA ASN A 193 -14.14 4.47 -0.36
C ASN A 193 -13.55 3.96 -1.66
N GLY A 194 -13.23 2.66 -1.73
CA GLY A 194 -12.82 2.09 -3.00
C GLY A 194 -13.91 2.22 -4.06
N LEU A 195 -15.16 1.98 -3.67
CA LEU A 195 -16.25 2.07 -4.63
C LEU A 195 -16.46 3.50 -5.09
N VAL A 196 -16.35 4.48 -4.18
CA VAL A 196 -16.55 5.87 -4.57
C VAL A 196 -15.39 6.36 -5.43
N LEU A 197 -14.18 5.87 -5.16
CA LEU A 197 -13.06 6.16 -6.05
C LEU A 197 -13.30 5.56 -7.43
N TRP A 198 -13.83 4.34 -7.48
CA TRP A 198 -14.17 3.73 -8.76
C TRP A 198 -15.21 4.56 -9.50
N THR A 199 -16.19 5.08 -8.76
CA THR A 199 -17.21 5.93 -9.36
C THR A 199 -16.61 7.20 -9.95
N VAL A 200 -15.77 7.89 -9.16
CA VAL A 200 -15.27 9.18 -9.62
C VAL A 200 -14.28 9.02 -10.77
N PHE A 201 -13.41 8.02 -10.70
CA PHE A 201 -12.42 7.85 -11.77
C PHE A 201 -13.02 7.21 -13.02
N ARG A 202 -14.04 6.36 -12.85
CA ARG A 202 -14.67 5.75 -14.02
C ARG A 202 -15.46 6.76 -14.84
N SER A 203 -15.81 7.90 -14.26
CA SER A 203 -16.56 8.92 -14.98
C SER A 203 -15.68 9.60 -16.02
N SER A 204 -16.32 10.11 -17.06
CA SER A 204 -15.59 10.79 -18.12
C SER A 204 -15.01 12.10 -17.61
N ARG A 205 -13.84 12.45 -18.16
CA ARG A 205 -13.21 13.72 -17.79
C ARG A 205 -14.08 14.90 -18.21
N GLU A 206 -14.80 14.78 -19.32
CA GLU A 206 -15.76 15.80 -19.69
C GLU A 206 -16.91 15.87 -18.67
N LYS A 207 -17.39 14.71 -18.23
CA LYS A 207 -18.43 14.68 -17.22
C LYS A 207 -17.87 15.03 -15.84
N ARG A 208 -16.56 14.85 -15.66
CA ARG A 208 -15.90 15.10 -14.38
C ARG A 208 -16.16 16.52 -13.91
N ARG A 209 -16.88 16.66 -12.80
CA ARG A 209 -17.21 17.99 -12.28
C ARG A 209 -16.11 18.45 -11.32
N SER A 210 -16.18 19.74 -10.96
CA SER A 210 -15.19 20.31 -10.05
C SER A 210 -15.24 19.65 -8.68
N ALA A 211 -16.43 19.34 -8.19
CA ALA A 211 -16.57 18.73 -6.88
C ALA A 211 -16.02 17.31 -6.86
N ASP A 212 -15.84 16.70 -8.02
CA ASP A 212 -15.41 15.30 -8.08
C ASP A 212 -13.99 15.14 -7.56
N ILE A 213 -13.09 16.08 -7.88
CA ILE A 213 -11.72 15.94 -7.41
C ILE A 213 -11.65 16.07 -5.90
N PHE A 214 -12.44 16.97 -5.32
CA PHE A 214 -12.48 17.09 -3.87
C PHE A 214 -13.09 15.85 -3.24
N ILE A 215 -14.10 15.26 -3.87
CA ILE A 215 -14.68 14.02 -3.36
C ILE A 215 -13.64 12.91 -3.40
N ALA A 216 -12.86 12.84 -4.48
CA ALA A 216 -11.82 11.81 -4.61
C ALA A 216 -10.74 12.01 -3.56
N SER A 217 -10.34 13.25 -3.31
CA SER A 217 -9.31 13.50 -2.29
C SER A 217 -9.84 13.17 -0.90
N LEU A 218 -11.11 13.48 -0.64
CA LEU A 218 -11.74 13.10 0.62
C LEU A 218 -11.72 11.58 0.80
N ALA A 219 -12.07 10.85 -0.27
CA ALA A 219 -12.06 9.40 -0.23
C ALA A 219 -10.65 8.86 -0.01
N VAL A 220 -9.66 9.48 -0.65
CA VAL A 220 -8.28 9.03 -0.50
C VAL A 220 -7.81 9.23 0.94
N ALA A 221 -8.16 10.38 1.53
CA ALA A 221 -7.81 10.61 2.93
C ALA A 221 -8.44 9.56 3.84
N ASP A 222 -9.73 9.28 3.62
CA ASP A 222 -10.41 8.27 4.42
C ASP A 222 -9.76 6.90 4.24
N LEU A 223 -9.40 6.56 3.01
CA LEU A 223 -8.77 5.27 2.75
C LEU A 223 -7.42 5.17 3.44
N THR A 224 -6.60 6.22 3.33
CA THR A 224 -5.28 6.20 3.95
C THR A 224 -5.39 6.08 5.47
N PHE A 225 -6.47 6.63 6.04
CA PHE A 225 -6.69 6.43 7.47
C PHE A 225 -7.13 5.00 7.78
N VAL A 226 -8.05 4.44 6.98
CA VAL A 226 -8.60 3.14 7.34
C VAL A 226 -7.60 2.02 7.11
N VAL A 227 -6.57 2.23 6.27
CA VAL A 227 -5.53 1.21 6.19
C VAL A 227 -4.80 1.08 7.52
N THR A 228 -4.58 2.18 8.24
CA THR A 228 -3.95 2.15 9.54
C THR A 228 -4.93 1.83 10.66
N LEU A 229 -6.22 1.93 10.41
CA LEU A 229 -7.22 1.63 11.43
C LEU A 229 -7.08 0.24 12.06
N PRO A 230 -6.78 -0.84 11.32
CA PRO A 230 -6.58 -2.14 12.00
C PRO A 230 -5.48 -2.12 13.04
N LEU A 231 -4.44 -1.34 12.82
CA LEU A 231 -3.38 -1.20 13.81
C LEU A 231 -3.91 -0.56 15.08
N TRP A 232 -4.76 0.45 14.95
CA TRP A 232 -5.36 1.07 16.14
C TRP A 232 -6.31 0.11 16.84
N ALA A 233 -7.03 -0.72 16.08
CA ALA A 233 -7.88 -1.73 16.68
C ALA A 233 -7.06 -2.72 17.49
N THR A 234 -5.94 -3.18 16.93
CA THR A 234 -5.07 -4.10 17.67
C THR A 234 -4.46 -3.42 18.89
N TYR A 235 -4.14 -2.13 18.76
CA TYR A 235 -3.61 -1.36 19.88
C TYR A 235 -4.61 -1.30 21.02
N THR A 236 -5.88 -1.04 20.69
CA THR A 236 -6.91 -0.95 21.72
C THR A 236 -7.20 -2.33 22.33
N TYR A 237 -7.22 -3.38 21.50
CA TYR A 237 -7.60 -4.70 21.99
C TYR A 237 -6.57 -5.24 22.96
N ARG A 238 -5.30 -4.86 22.79
CA ARG A 238 -4.22 -5.37 23.62
C ARG A 238 -3.99 -4.53 24.86
N ASP A 239 -5.04 -3.84 25.34
CA ASP A 239 -4.93 -2.94 26.49
C ASP A 239 -3.85 -1.89 26.26
N TYR A 240 -3.87 -1.28 25.08
CA TYR A 240 -2.94 -0.21 24.70
C TYR A 240 -1.49 -0.68 24.72
N ASP A 241 -1.16 -1.65 23.88
CA ASP A 241 0.20 -2.10 23.67
C ASP A 241 0.44 -2.09 22.16
N TRP A 242 1.52 -1.42 21.73
CA TRP A 242 1.78 -1.21 20.31
C TRP A 242 2.94 -2.07 19.86
N PRO A 243 2.69 -3.12 19.07
CA PRO A 243 3.80 -3.99 18.63
C PRO A 243 4.35 -3.69 17.24
N PHE A 244 3.91 -2.61 16.60
CA PHE A 244 4.30 -2.31 15.23
C PHE A 244 5.52 -1.40 15.12
N GLY A 245 6.09 -0.94 16.23
CA GLY A 245 7.31 -0.16 16.19
C GLY A 245 7.07 1.34 16.11
N THR A 246 8.19 2.09 16.17
CA THR A 246 8.13 3.55 16.18
C THR A 246 7.66 4.10 14.84
N PHE A 247 8.18 3.54 13.74
CA PHE A 247 7.89 4.09 12.42
C PHE A 247 6.41 4.06 12.13
N PHE A 248 5.74 2.95 12.45
CA PHE A 248 4.32 2.86 12.15
C PHE A 248 3.48 3.67 13.13
N CYS A 249 3.98 3.88 14.35
CA CYS A 249 3.32 4.81 15.27
C CYS A 249 3.32 6.21 14.67
N LYS A 250 4.48 6.68 14.21
CA LYS A 250 4.56 7.98 13.56
C LYS A 250 3.67 8.03 12.32
N LEU A 251 3.74 6.98 11.49
CA LEU A 251 3.00 6.99 10.23
C LEU A 251 1.50 6.99 10.48
N SER A 252 1.02 6.22 11.46
CA SER A 252 -0.40 6.13 11.72
C SER A 252 -0.93 7.44 12.31
N SER A 253 -0.22 8.01 13.28
CA SER A 253 -0.65 9.29 13.83
C SER A 253 -0.63 10.38 12.76
N TYR A 254 0.42 10.39 11.94
CA TYR A 254 0.53 11.37 10.87
C TYR A 254 -0.60 11.22 9.88
N LEU A 255 -0.97 9.99 9.54
CA LEU A 255 -2.06 9.77 8.59
C LEU A 255 -3.40 10.14 9.21
N ILE A 256 -3.53 9.98 10.52
CA ILE A 256 -4.74 10.44 11.21
C ILE A 256 -4.91 11.94 11.03
N PHE A 257 -3.83 12.69 11.31
CA PHE A 257 -3.93 14.15 11.21
C PHE A 257 -4.03 14.60 9.75
N VAL A 258 -3.39 13.87 8.84
CA VAL A 258 -3.53 14.16 7.41
C VAL A 258 -4.98 13.95 6.98
N ASN A 259 -5.60 12.87 7.44
CA ASN A 259 -7.02 12.65 7.19
C ASN A 259 -7.84 13.83 7.66
N MET A 260 -7.65 14.23 8.92
CA MET A 260 -8.45 15.33 9.47
C MET A 260 -8.28 16.61 8.64
N TYR A 261 -7.02 17.00 8.42
CA TYR A 261 -6.75 18.27 7.75
C TYR A 261 -7.23 18.24 6.30
N ALA A 262 -6.87 17.18 5.56
CA ALA A 262 -7.24 17.10 4.16
C ALA A 262 -8.75 17.00 4.00
N SER A 263 -9.43 16.31 4.91
CA SER A 263 -10.87 16.19 4.82
C SER A 263 -11.55 17.54 5.06
N VAL A 264 -11.13 18.25 6.11
CA VAL A 264 -11.76 19.54 6.36
C VAL A 264 -11.41 20.53 5.25
N PHE A 265 -10.22 20.41 4.67
CA PHE A 265 -9.84 21.30 3.58
C PHE A 265 -10.63 20.99 2.32
N CYS A 266 -10.88 19.71 2.03
CA CYS A 266 -11.70 19.35 0.89
C CYS A 266 -13.13 19.81 1.07
N LEU A 267 -13.66 19.69 2.30
CA LEU A 267 -15.01 20.19 2.56
C LEU A 267 -15.07 21.70 2.42
N THR A 268 -14.01 22.40 2.86
CA THR A 268 -13.93 23.84 2.67
C THR A 268 -13.89 24.20 1.19
N GLY A 269 -13.14 23.43 0.40
CA GLY A 269 -13.08 23.67 -1.03
C GLY A 269 -14.42 23.46 -1.71
N LEU A 270 -15.13 22.41 -1.31
CA LEU A 270 -16.46 22.16 -1.84
C LEU A 270 -17.42 23.28 -1.49
N SER A 271 -17.39 23.73 -0.23
CA SER A 271 -18.26 24.81 0.20
C SER A 271 -17.94 26.11 -0.52
N PHE A 272 -16.65 26.41 -0.70
CA PHE A 272 -16.26 27.60 -1.43
C PHE A 272 -16.67 27.51 -2.88
N ASP A 273 -16.61 26.32 -3.47
CA ASP A 273 -17.07 26.15 -4.85
C ASP A 273 -18.57 26.40 -4.94
N ARG A 274 -19.33 25.92 -3.96
CA ARG A 274 -20.77 26.21 -3.95
C ARG A 274 -21.04 27.69 -3.76
N TYR A 275 -20.22 28.37 -2.96
CA TYR A 275 -20.36 29.82 -2.85
C TYR A 275 -20.09 30.50 -4.17
N LEU A 276 -19.06 30.06 -4.89
CA LEU A 276 -18.74 30.65 -6.18
C LEU A 276 -19.86 30.43 -7.18
N ALA A 277 -20.46 29.24 -7.18
CA ALA A 277 -21.49 28.93 -8.17
C ALA A 277 -22.85 29.55 -7.83
N ILE A 278 -23.38 29.23 -6.64
CA ILE A 278 -24.76 29.61 -6.32
C ILE A 278 -24.88 31.10 -6.10
N VAL A 279 -23.90 31.70 -5.42
CA VAL A 279 -24.03 33.10 -5.03
C VAL A 279 -23.70 34.02 -6.20
N ARG A 280 -22.54 33.85 -6.81
CA ARG A 280 -22.05 34.76 -7.86
C ARG A 280 -21.23 33.98 -8.88
N PRO A 281 -21.89 33.33 -9.83
CA PRO A 281 -21.15 32.49 -10.80
C PRO A 281 -20.24 33.26 -11.75
N VAL A 282 -20.49 34.55 -11.97
CA VAL A 282 -19.72 35.30 -12.97
C VAL A 282 -18.27 35.42 -12.54
N ALA A 283 -18.04 35.84 -11.29
CA ALA A 283 -16.67 35.89 -10.78
C ALA A 283 -16.12 34.48 -10.57
N ASN A 284 -17.00 33.51 -10.37
CA ASN A 284 -16.57 32.12 -10.29
C ASN A 284 -15.91 31.67 -11.59
N ALA A 285 -16.46 32.11 -12.73
CA ALA A 285 -15.84 31.77 -14.01
C ALA A 285 -14.42 32.31 -14.11
N ARG A 286 -14.22 33.57 -13.71
CA ARG A 286 -12.88 34.15 -13.74
C ARG A 286 -11.94 33.41 -12.79
N LEU A 287 -12.43 33.08 -11.59
CA LEU A 287 -11.58 32.36 -10.64
C LEU A 287 -11.21 30.98 -11.16
N ARG A 288 -12.15 30.29 -11.80
CA ARG A 288 -11.85 29.00 -12.40
C ARG A 288 -10.82 29.15 -13.53
N LEU A 289 -10.92 30.23 -14.29
CA LEU A 289 -9.92 30.49 -15.32
C LEU A 289 -8.54 30.71 -14.70
N ARG A 290 -8.47 31.47 -13.61
CA ARG A 290 -7.18 31.75 -12.97
C ARG A 290 -6.55 30.49 -12.39
N VAL A 291 -7.33 29.75 -11.59
CA VAL A 291 -6.82 28.61 -10.84
C VAL A 291 -7.63 27.37 -11.19
N SER A 292 -6.94 26.29 -11.54
CA SER A 292 -7.59 25.02 -11.83
C SER A 292 -7.77 24.21 -10.55
N GLY A 293 -8.62 23.18 -10.64
CA GLY A 293 -8.89 22.35 -9.48
C GLY A 293 -7.68 21.53 -9.05
N ALA A 294 -6.87 21.09 -10.01
CA ALA A 294 -5.71 20.26 -9.68
C ALA A 294 -4.72 21.02 -8.82
N VAL A 295 -4.49 22.30 -9.13
CA VAL A 295 -3.60 23.11 -8.32
C VAL A 295 -4.15 23.25 -6.90
N ALA A 296 -5.47 23.45 -6.78
CA ALA A 296 -6.09 23.56 -5.48
C ALA A 296 -5.88 22.28 -4.67
N THR A 297 -6.08 21.13 -5.30
CA THR A 297 -5.87 19.86 -4.61
C THR A 297 -4.41 19.69 -4.20
N ALA A 298 -3.48 20.09 -5.06
CA ALA A 298 -2.06 19.96 -4.75
C ALA A 298 -1.69 20.80 -3.53
N VAL A 299 -2.07 22.07 -3.53
CA VAL A 299 -1.77 22.93 -2.38
C VAL A 299 -2.47 22.41 -1.13
N LEU A 300 -3.70 21.93 -1.27
CA LEU A 300 -4.42 21.39 -0.13
C LEU A 300 -3.65 20.23 0.50
N TRP A 301 -3.19 19.29 -0.33
CA TRP A 301 -2.51 18.12 0.22
C TRP A 301 -1.14 18.46 0.78
N VAL A 302 -0.40 19.34 0.13
CA VAL A 302 0.91 19.71 0.69
C VAL A 302 0.75 20.48 1.98
N LEU A 303 -0.28 21.33 2.09
CA LEU A 303 -0.53 22.04 3.32
C LEU A 303 -0.92 21.08 4.44
N ALA A 304 -1.75 20.09 4.13
CA ALA A 304 -2.12 19.09 5.12
C ALA A 304 -0.90 18.31 5.60
N ALA A 305 -0.05 17.91 4.66
CA ALA A 305 1.16 17.18 5.02
C ALA A 305 2.08 18.02 5.90
N LEU A 306 2.28 19.29 5.54
CA LEU A 306 3.13 20.17 6.34
C LEU A 306 2.55 20.38 7.73
N LEU A 307 1.23 20.55 7.84
CA LEU A 307 0.62 20.80 9.13
C LEU A 307 0.63 19.56 10.01
N ALA A 308 0.57 18.37 9.41
CA ALA A 308 0.66 17.13 10.16
C ALA A 308 2.09 16.69 10.43
N MET A 309 3.07 17.34 9.81
CA MET A 309 4.47 17.02 10.10
C MET A 309 4.83 17.06 11.58
N PRO A 310 4.36 18.02 12.41
CA PRO A 310 4.71 18.01 13.83
C PRO A 310 4.36 16.70 14.50
N VAL A 311 3.24 16.09 14.08
CA VAL A 311 2.85 14.80 14.63
C VAL A 311 3.90 13.75 14.33
N MET A 312 4.33 13.66 13.07
CA MET A 312 5.32 12.66 12.68
C MET A 312 6.64 12.90 13.40
N VAL A 313 7.05 14.16 13.52
CA VAL A 313 8.33 14.47 14.15
C VAL A 313 8.29 14.14 15.64
N LEU A 314 7.15 14.41 16.29
CA LEU A 314 7.08 14.29 17.74
C LEU A 314 6.52 12.97 18.22
N ARG A 315 5.75 12.25 17.39
CA ARG A 315 5.18 10.98 17.82
C ARG A 315 6.29 9.96 18.05
N THR A 316 6.15 9.16 19.10
CA THR A 316 7.17 8.19 19.45
C THR A 316 6.53 6.99 20.13
N THR A 317 7.36 5.98 20.39
CA THR A 317 6.97 4.71 20.96
C THR A 317 7.72 4.48 22.26
N GLY A 318 7.00 4.24 23.34
CA GLY A 318 7.62 4.12 24.65
C GLY A 318 6.85 3.20 25.57
N ASP A 319 7.60 2.62 26.51
CA ASP A 319 7.04 1.71 27.51
C ASP A 319 6.79 2.47 28.81
N LEU A 320 5.77 3.33 28.77
CA LEU A 320 5.45 4.15 29.93
C LEU A 320 4.94 3.28 31.07
N GLU A 321 5.08 3.80 32.29
CA GLU A 321 4.62 3.19 33.53
C GLU A 321 5.35 1.90 33.86
N ASN A 322 6.33 1.50 33.05
CA ASN A 322 7.16 0.32 33.31
C ASN A 322 6.31 -0.93 33.52
N THR A 323 5.27 -1.07 32.68
CA THR A 323 4.37 -2.20 32.74
C THR A 323 4.52 -3.12 31.54
N THR A 324 5.67 -3.07 30.86
CA THR A 324 5.95 -3.87 29.67
C THR A 324 4.92 -3.64 28.57
N LYS A 325 4.24 -2.50 28.60
CA LYS A 325 3.24 -2.13 27.60
C LYS A 325 3.78 -0.93 26.82
N VAL A 326 3.83 -1.07 25.51
CA VAL A 326 4.30 0.00 24.63
C VAL A 326 3.13 0.89 24.27
N GLN A 327 3.29 2.20 24.45
CA GLN A 327 2.24 3.17 24.19
C GLN A 327 2.71 4.16 23.13
N CYS A 328 1.92 4.33 22.08
CA CYS A 328 2.24 5.26 21.00
C CYS A 328 1.79 6.66 21.40
N TYR A 329 2.74 7.49 21.84
CA TYR A 329 2.46 8.77 22.45
C TYR A 329 3.35 9.85 21.86
N MET A 330 2.91 11.10 22.00
CA MET A 330 3.64 12.25 21.50
C MET A 330 4.61 12.74 22.56
N ASP A 331 5.90 12.75 22.24
CA ASP A 331 6.93 13.18 23.18
C ASP A 331 7.32 14.62 22.87
N TYR A 332 7.13 15.51 23.83
CA TYR A 332 7.49 16.90 23.69
C TYR A 332 8.84 17.23 24.29
N SER A 333 9.57 16.22 24.79
CA SER A 333 10.91 16.45 25.31
C SER A 333 11.93 16.65 24.19
N MET A 334 11.54 16.38 22.94
CA MET A 334 12.45 16.57 21.83
C MET A 334 12.70 18.05 21.56
N VAL A 335 11.69 18.90 21.75
CA VAL A 335 11.81 20.32 21.47
C VAL A 335 11.60 21.20 22.70
N ALA A 336 10.94 20.70 23.74
CA ALA A 336 10.66 21.49 24.92
C ALA A 336 11.12 20.75 26.16
N THR A 337 11.47 21.50 27.20
CA THR A 337 11.84 20.90 28.48
C THR A 337 10.59 20.53 29.26
N VAL A 338 10.80 20.13 30.51
CA VAL A 338 9.68 19.74 31.36
C VAL A 338 8.82 20.94 31.69
N SER A 339 9.45 22.10 31.94
CA SER A 339 8.69 23.28 32.35
C SER A 339 7.76 23.77 31.24
N SER A 340 8.25 23.79 30.00
CA SER A 340 7.48 24.30 28.88
C SER A 340 6.74 23.21 28.11
N GLU A 341 6.74 21.98 28.63
CA GLU A 341 6.04 20.90 27.94
C GLU A 341 4.55 21.17 27.86
N TRP A 342 3.98 21.72 28.94
CA TRP A 342 2.56 22.08 28.92
C TRP A 342 2.29 23.13 27.85
N ALA A 343 3.19 24.12 27.72
CA ALA A 343 3.02 25.16 26.72
C ALA A 343 3.07 24.58 25.31
N TRP A 344 4.02 23.68 25.06
CA TRP A 344 4.11 23.09 23.73
C TRP A 344 2.90 22.22 23.42
N GLU A 345 2.46 21.42 24.38
CA GLU A 345 1.29 20.57 24.16
C GLU A 345 0.04 21.39 23.89
N VAL A 346 -0.17 22.43 24.70
CA VAL A 346 -1.35 23.28 24.54
C VAL A 346 -1.28 24.04 23.22
N GLY A 347 -0.11 24.52 22.85
CA GLY A 347 0.03 25.23 21.58
C GLY A 347 -0.26 24.34 20.40
N LEU A 348 0.30 23.13 20.39
CA LEU A 348 0.03 22.20 19.31
C LEU A 348 -1.44 21.82 19.24
N GLY A 349 -2.05 21.56 20.40
CA GLY A 349 -3.47 21.20 20.40
C GLY A 349 -4.36 22.33 19.91
N VAL A 350 -4.11 23.55 20.38
CA VAL A 350 -4.92 24.69 19.99
C VAL A 350 -4.73 25.01 18.52
N SER A 351 -3.49 24.91 18.02
CA SER A 351 -3.24 25.12 16.59
C SER A 351 -3.94 24.06 15.76
N SER A 352 -3.90 22.80 16.20
CA SER A 352 -4.58 21.73 15.49
C SER A 352 -6.08 21.98 15.45
N THR A 353 -6.67 22.39 16.57
CA THR A 353 -8.09 22.72 16.59
C THR A 353 -8.40 23.88 15.67
N THR A 354 -7.61 24.96 15.74
CA THR A 354 -7.90 26.16 14.96
C THR A 354 -7.78 25.89 13.46
N VAL A 355 -6.84 25.02 13.07
CA VAL A 355 -6.63 24.73 11.66
C VAL A 355 -7.53 23.62 11.14
N GLY A 356 -7.98 22.72 12.00
CA GLY A 356 -8.81 21.62 11.54
C GLY A 356 -10.30 21.81 11.72
N PHE A 357 -10.71 22.59 12.72
CA PHE A 357 -12.13 22.78 12.97
C PHE A 357 -12.55 24.25 12.86
N VAL A 358 -11.89 25.13 13.62
CA VAL A 358 -12.42 26.47 13.86
C VAL A 358 -12.40 27.33 12.60
N VAL A 359 -11.20 27.61 12.08
CA VAL A 359 -11.10 28.47 10.89
C VAL A 359 -11.80 27.85 9.68
N PRO A 360 -11.60 26.59 9.34
CA PRO A 360 -12.38 26.01 8.23
C PRO A 360 -13.87 26.07 8.46
N PHE A 361 -14.35 25.81 9.67
CA PHE A 361 -15.78 25.92 9.91
C PHE A 361 -16.24 27.36 9.80
N THR A 362 -15.41 28.32 10.21
CA THR A 362 -15.79 29.72 10.07
C THR A 362 -15.95 30.10 8.61
N ILE A 363 -14.98 29.73 7.76
CA ILE A 363 -15.09 30.08 6.35
C ILE A 363 -16.23 29.34 5.67
N MET A 364 -16.44 28.07 6.04
CA MET A 364 -17.56 27.33 5.48
C MET A 364 -18.89 27.90 5.94
N LEU A 365 -18.99 28.35 7.19
CA LEU A 365 -20.23 28.96 7.66
C LEU A 365 -20.48 30.30 6.97
N THR A 366 -19.43 31.07 6.69
CA THR A 366 -19.64 32.30 5.94
C THR A 366 -20.13 32.01 4.52
N CYS A 367 -19.51 31.03 3.87
CA CYS A 367 -19.94 30.63 2.53
C CYS A 367 -21.39 30.16 2.56
N TYR A 368 -21.74 29.35 3.55
CA TYR A 368 -23.10 28.82 3.66
C TYR A 368 -24.09 29.91 4.00
N PHE A 369 -23.67 30.93 4.75
CA PHE A 369 -24.57 32.02 5.11
C PHE A 369 -24.91 32.86 3.89
N PHE A 370 -23.89 33.20 3.09
CA PHE A 370 -24.19 33.94 1.87
C PHE A 370 -24.95 33.06 0.88
N ILE A 371 -24.67 31.75 0.86
CA ILE A 371 -25.45 30.82 0.05
C ILE A 371 -26.91 30.83 0.51
N ALA A 372 -27.14 30.86 1.82
CA ALA A 372 -28.49 30.84 2.35
C ALA A 372 -29.24 32.12 1.99
N GLN A 373 -28.56 33.26 2.05
CA GLN A 373 -29.22 34.51 1.66
C GLN A 373 -29.55 34.51 0.18
N THR A 374 -28.58 34.15 -0.67
CA THR A 374 -28.83 34.10 -2.10
C THR A 374 -29.89 33.05 -2.44
N ILE A 375 -30.01 32.01 -1.61
CA ILE A 375 -30.98 30.95 -1.88
C ILE A 375 -32.36 31.33 -1.35
N ALA A 376 -32.43 32.19 -0.34
CA ALA A 376 -33.71 32.82 -0.04
C ALA A 376 -34.18 33.64 -1.24
N GLY A 377 -33.27 34.44 -1.80
CA GLY A 377 -33.60 35.15 -3.03
C GLY A 377 -34.00 34.22 -4.16
N HIS A 378 -33.33 33.07 -4.26
CA HIS A 378 -33.66 32.09 -5.28
C HIS A 378 -35.03 31.47 -5.04
N PHE A 379 -35.35 31.14 -3.79
CA PHE A 379 -36.67 30.64 -3.45
C PHE A 379 -37.74 31.65 -3.83
N ARG A 388 -33.36 22.84 -8.17
CA ARG A 388 -33.07 21.46 -7.83
C ARG A 388 -31.69 21.04 -8.31
N LYS A 389 -31.25 21.57 -9.46
CA LYS A 389 -29.93 21.22 -9.98
C LYS A 389 -28.82 21.66 -9.02
N ARG A 390 -28.92 22.89 -8.52
CA ARG A 390 -27.96 23.33 -7.49
C ARG A 390 -28.21 22.59 -6.18
N ARG A 391 -29.47 22.23 -5.92
CA ARG A 391 -29.83 21.59 -4.67
C ARG A 391 -29.19 20.22 -4.52
N ARG A 392 -29.01 19.50 -5.63
CA ARG A 392 -28.37 18.20 -5.55
C ARG A 392 -27.03 18.29 -4.84
N LEU A 393 -26.11 19.05 -5.44
CA LEU A 393 -24.78 19.21 -4.89
C LEU A 393 -24.81 19.89 -3.53
N LEU A 394 -25.66 20.91 -3.36
CA LEU A 394 -25.68 21.59 -2.07
C LEU A 394 -26.13 20.65 -0.96
N SER A 395 -27.17 19.85 -1.22
CA SER A 395 -27.68 18.94 -0.20
C SER A 395 -26.63 17.90 0.17
N ILE A 396 -25.97 17.31 -0.83
CA ILE A 396 -24.98 16.29 -0.49
C ILE A 396 -23.82 16.91 0.28
N ILE A 397 -23.37 18.10 -0.13
CA ILE A 397 -22.23 18.72 0.53
C ILE A 397 -22.57 19.17 1.94
N VAL A 398 -23.77 19.73 2.14
CA VAL A 398 -24.19 20.15 3.47
C VAL A 398 -24.36 18.93 4.38
N VAL A 399 -24.87 17.82 3.83
CA VAL A 399 -24.97 16.61 4.65
C VAL A 399 -23.59 16.11 5.04
N LEU A 400 -22.65 16.14 4.10
CA LEU A 400 -21.28 15.75 4.41
C LEU A 400 -20.69 16.64 5.50
N VAL A 401 -20.91 17.95 5.39
CA VAL A 401 -20.32 18.88 6.34
C VAL A 401 -20.97 18.74 7.72
N VAL A 402 -22.29 18.53 7.75
CA VAL A 402 -22.98 18.36 9.03
C VAL A 402 -22.56 17.06 9.70
N THR A 403 -22.36 16.00 8.91
CA THR A 403 -21.87 14.75 9.50
C THR A 403 -20.43 14.90 9.99
N PHE A 404 -19.58 15.60 9.23
CA PHE A 404 -18.23 15.90 9.69
C PHE A 404 -18.28 16.69 10.99
N ALA A 405 -19.20 17.63 11.10
CA ALA A 405 -19.37 18.39 12.33
C ALA A 405 -19.77 17.48 13.48
N LEU A 406 -20.82 16.68 13.30
CA LEU A 406 -21.28 15.83 14.38
C LEU A 406 -20.26 14.76 14.75
N CYS A 407 -19.34 14.42 13.85
CA CYS A 407 -18.34 13.41 14.13
C CYS A 407 -17.04 13.97 14.69
N TRP A 408 -16.74 15.24 14.44
CA TRP A 408 -15.48 15.82 14.91
C TRP A 408 -15.65 16.86 16.01
N MET A 409 -16.82 17.49 16.13
CA MET A 409 -17.07 18.40 17.24
C MET A 409 -16.88 17.75 18.59
N PRO A 410 -17.35 16.51 18.85
CA PRO A 410 -17.05 15.90 20.15
C PRO A 410 -15.57 15.81 20.45
N TYR A 411 -14.75 15.42 19.46
CA TYR A 411 -13.32 15.25 19.72
C TYR A 411 -12.66 16.57 20.06
N HIS A 412 -12.85 17.59 19.20
CA HIS A 412 -12.24 18.88 19.46
C HIS A 412 -12.76 19.51 20.73
N LEU A 413 -14.08 19.39 20.97
CA LEU A 413 -14.66 19.95 22.17
C LEU A 413 -14.07 19.32 23.42
N VAL A 414 -13.99 17.99 23.47
CA VAL A 414 -13.47 17.32 24.65
C VAL A 414 -12.00 17.63 24.84
N LYS A 415 -11.23 17.67 23.76
CA LYS A 415 -9.80 17.94 23.87
C LYS A 415 -9.55 19.36 24.38
N THR A 416 -10.20 20.35 23.75
CA THR A 416 -10.04 21.73 24.19
C THR A 416 -10.56 21.93 25.61
N LEU A 417 -11.68 21.29 25.95
CA LEU A 417 -12.24 21.43 27.28
C LEU A 417 -11.32 20.82 28.32
N TYR A 418 -10.66 19.71 27.99
CA TYR A 418 -9.70 19.12 28.91
C TYR A 418 -8.51 20.06 29.12
N MET A 419 -8.02 20.69 28.05
CA MET A 419 -6.93 21.64 28.23
C MET A 419 -7.36 22.83 29.10
N LEU A 420 -8.55 23.37 28.84
CA LEU A 420 -8.99 24.52 29.65
C LEU A 420 -9.28 24.12 31.08
N GLY A 421 -9.69 22.86 31.30
CA GLY A 421 -9.85 22.39 32.66
C GLY A 421 -8.52 22.25 33.38
N SER A 422 -7.49 21.81 32.67
CA SER A 422 -6.15 21.77 33.25
C SER A 422 -5.66 23.17 33.59
N LEU A 423 -5.93 24.14 32.70
CA LEU A 423 -5.44 25.49 32.91
C LEU A 423 -6.20 26.20 34.03
N LEU A 424 -7.53 26.10 34.04
CA LEU A 424 -8.36 26.85 34.97
C LEU A 424 -8.85 26.02 36.15
N HIS A 425 -8.38 24.79 36.29
CA HIS A 425 -8.69 23.94 37.45
C HIS A 425 -10.21 23.71 37.59
N TRP A 426 -10.75 23.03 36.58
CA TRP A 426 -12.14 22.59 36.62
C TRP A 426 -12.29 21.39 37.55
N PRO A 427 -13.53 21.12 38.00
CA PRO A 427 -13.73 20.01 38.95
C PRO A 427 -13.25 18.68 38.39
N CYS A 428 -12.73 17.84 39.28
CA CYS A 428 -12.12 16.58 38.85
C CYS A 428 -13.16 15.58 38.37
N ASP A 429 -14.41 15.70 38.83
CA ASP A 429 -15.48 14.85 38.30
C ASP A 429 -15.68 15.10 36.81
N PHE A 430 -15.69 16.38 36.40
CA PHE A 430 -15.85 16.71 35.00
C PHE A 430 -14.62 16.28 34.20
N ASP A 431 -13.43 16.36 34.81
CA ASP A 431 -12.22 15.87 34.15
C ASP A 431 -12.29 14.37 33.92
N LEU A 432 -12.77 13.62 34.91
CA LEU A 432 -12.96 12.19 34.73
C LEU A 432 -13.98 11.90 33.65
N PHE A 433 -15.06 12.70 33.59
CA PHE A 433 -16.05 12.52 32.54
C PHE A 433 -15.42 12.70 31.17
N LEU A 434 -14.62 13.75 31.01
CA LEU A 434 -13.96 13.98 29.73
C LEU A 434 -13.00 12.85 29.39
N MET A 435 -12.24 12.36 30.38
CA MET A 435 -11.31 11.27 30.12
C MET A 435 -12.03 10.01 29.67
N ASN A 436 -13.16 9.71 30.31
CA ASN A 436 -13.90 8.51 29.95
C ASN A 436 -14.64 8.63 28.64
N ILE A 437 -15.02 9.85 28.25
CA ILE A 437 -15.71 10.05 26.97
C ILE A 437 -14.75 10.28 25.80
N PHE A 438 -13.47 10.54 26.07
CA PHE A 438 -12.52 10.75 24.98
C PHE A 438 -12.41 9.57 24.02
N PRO A 439 -12.29 8.32 24.48
CA PRO A 439 -12.19 7.21 23.50
C PRO A 439 -13.37 7.14 22.57
N TYR A 440 -14.58 7.40 23.07
CA TYR A 440 -15.76 7.34 22.23
C TYR A 440 -15.77 8.46 21.20
N CYS A 441 -15.36 9.67 21.61
CA CYS A 441 -15.29 10.77 20.66
C CYS A 441 -14.29 10.48 19.56
N THR A 442 -13.14 9.93 19.93
CA THR A 442 -12.17 9.49 18.93
C THR A 442 -12.79 8.43 18.02
N CYS A 443 -13.59 7.54 18.59
CA CYS A 443 -14.21 6.48 17.80
C CYS A 443 -15.15 7.05 16.75
N ILE A 444 -15.99 8.03 17.13
CA ILE A 444 -16.89 8.63 16.14
C ILE A 444 -16.11 9.40 15.08
N SER A 445 -15.06 10.12 15.50
CA SER A 445 -14.22 10.79 14.52
C SER A 445 -13.65 9.82 13.51
N TYR A 446 -13.33 8.60 13.95
CA TYR A 446 -12.86 7.57 13.02
C TYR A 446 -14.01 7.02 12.17
N VAL A 447 -15.22 6.97 12.75
CA VAL A 447 -16.37 6.37 12.07
C VAL A 447 -16.82 7.24 10.90
N ASN A 448 -16.55 8.55 10.98
CA ASN A 448 -16.91 9.46 9.89
C ASN A 448 -16.40 8.97 8.53
N SER A 449 -15.19 8.41 8.51
CA SER A 449 -14.60 7.96 7.25
C SER A 449 -15.44 6.89 6.59
N CYS A 450 -15.99 5.96 7.37
CA CYS A 450 -16.87 4.95 6.83
C CYS A 450 -18.27 5.47 6.52
N LEU A 451 -18.78 6.42 7.30
CA LEU A 451 -20.10 6.98 6.98
C LEU A 451 -20.14 7.78 5.68
N ASN A 452 -19.00 8.33 5.25
CA ASN A 452 -19.03 9.12 4.01
C ASN A 452 -19.62 8.36 2.82
N PRO A 453 -19.22 7.12 2.51
CA PRO A 453 -19.83 6.42 1.35
C PRO A 453 -21.33 6.17 1.44
N PHE A 454 -21.87 5.83 2.62
CA PHE A 454 -23.32 5.65 2.71
C PHE A 454 -24.05 6.98 2.53
N LEU A 455 -23.43 8.08 2.96
CA LEU A 455 -24.01 9.38 2.68
C LEU A 455 -24.05 9.64 1.18
N TYR A 456 -22.99 9.28 0.47
CA TYR A 456 -23.01 9.41 -0.99
C TYR A 456 -24.10 8.54 -1.60
N ALA A 457 -24.25 7.31 -1.10
CA ALA A 457 -25.22 6.38 -1.66
C ALA A 457 -26.65 6.86 -1.43
N PHE A 458 -26.92 7.42 -0.25
CA PHE A 458 -28.28 7.82 0.08
C PHE A 458 -28.71 9.04 -0.72
N PHE A 459 -27.80 10.00 -0.93
CA PHE A 459 -28.17 11.27 -1.51
C PHE A 459 -27.74 11.30 -2.97
N ASP A 460 -26.47 11.08 -3.29
CA ASP A 460 -25.98 11.30 -4.64
C ASP A 460 -26.57 10.28 -5.62
N PRO A 461 -27.30 10.73 -6.63
CA PRO A 461 -27.84 9.78 -7.62
C PRO A 461 -26.77 9.12 -8.47
N ARG A 462 -25.62 9.76 -8.68
CA ARG A 462 -24.57 9.15 -9.48
C ARG A 462 -23.95 7.95 -8.78
N PHE A 463 -23.77 8.04 -7.46
CA PHE A 463 -23.26 6.90 -6.70
C PHE A 463 -24.22 5.72 -6.77
N ARG A 464 -25.53 5.99 -6.71
CA ARG A 464 -26.51 4.93 -6.92
C ARG A 464 -26.42 4.38 -8.34
N GLN A 465 -26.20 5.26 -9.30
CA GLN A 465 -26.04 4.80 -10.71
C GLN A 465 -24.86 3.83 -10.79
N ALA A 466 -23.73 4.19 -10.17
CA ALA A 466 -22.53 3.32 -10.19
C ALA A 466 -22.88 1.96 -9.59
N CYS A 467 -23.66 1.98 -8.50
CA CYS A 467 -24.08 0.71 -7.84
C CYS A 467 -24.89 -0.14 -8.84
N THR A 468 -25.84 0.48 -9.55
CA THR A 468 -26.65 -0.25 -10.55
C THR A 468 -25.77 -0.63 -11.71
N SER A 469 -24.87 0.25 -12.14
CA SER A 469 -24.00 -0.02 -13.31
C SER A 469 -22.64 -0.57 -12.84
N SER B 164 32.16 -26.97 11.43
CA SER B 164 33.15 -26.78 12.48
C SER B 164 34.34 -25.97 11.97
N GLU B 165 35.07 -26.56 11.02
CA GLU B 165 36.20 -25.85 10.41
C GLU B 165 35.75 -24.60 9.68
N CYS B 166 34.63 -24.69 8.96
CA CYS B 166 34.04 -23.53 8.27
C CYS B 166 33.03 -22.84 9.18
N GLU B 167 32.19 -21.99 8.59
CA GLU B 167 31.19 -21.20 9.31
C GLU B 167 31.85 -20.16 10.21
N TYR B 168 32.88 -19.51 9.66
CA TYR B 168 33.58 -18.46 10.38
C TYR B 168 32.83 -17.13 10.29
N THR B 169 32.70 -16.61 9.07
CA THR B 169 32.04 -15.31 8.86
C THR B 169 31.41 -15.33 7.46
N ASP B 170 30.83 -14.22 7.03
CA ASP B 170 30.27 -14.09 5.68
C ASP B 170 31.23 -13.24 4.86
N TRP B 171 32.24 -13.90 4.30
CA TRP B 171 33.28 -13.26 3.49
C TRP B 171 33.85 -12.02 4.19
N LYS B 172 33.68 -10.87 3.57
CA LYS B 172 34.02 -9.59 4.15
C LYS B 172 32.74 -8.79 4.33
N SER B 173 32.73 -7.92 5.34
CA SER B 173 31.54 -7.14 5.63
C SER B 173 31.11 -6.32 4.43
N SER B 174 29.83 -6.39 4.10
CA SER B 174 29.27 -5.64 2.99
C SER B 174 29.04 -4.17 3.33
N GLY B 175 29.22 -3.80 4.60
CA GLY B 175 28.94 -2.43 5.00
C GLY B 175 27.46 -2.15 4.89
N ALA B 176 27.12 -1.11 4.13
CA ALA B 176 25.73 -0.75 3.87
C ALA B 176 25.31 -1.03 2.44
N LEU B 177 26.04 -1.92 1.76
CA LEU B 177 25.78 -2.15 0.34
C LEU B 177 24.42 -2.82 0.12
N ILE B 178 24.10 -3.83 0.92
CA ILE B 178 22.79 -4.48 0.80
C ILE B 178 21.65 -3.53 1.13
N PRO B 179 21.67 -2.79 2.25
CA PRO B 179 20.59 -1.81 2.48
C PRO B 179 20.53 -0.73 1.40
N ALA B 180 21.68 -0.27 0.91
CA ALA B 180 21.69 0.75 -0.13
C ALA B 180 21.04 0.24 -1.40
N ILE B 181 21.37 -0.99 -1.79
CA ILE B 181 20.77 -1.56 -2.99
C ILE B 181 19.29 -1.80 -2.77
N TYR B 182 18.91 -2.20 -1.54
CA TYR B 182 17.49 -2.37 -1.24
C TYR B 182 16.72 -1.07 -1.41
N MET B 183 17.27 0.02 -0.91
CA MET B 183 16.60 1.31 -1.02
C MET B 183 16.56 1.78 -2.48
N LEU B 184 17.65 1.57 -3.21
CA LEU B 184 17.67 1.93 -4.62
C LEU B 184 16.63 1.14 -5.40
N VAL B 185 16.52 -0.16 -5.12
CA VAL B 185 15.52 -0.99 -5.78
C VAL B 185 14.12 -0.55 -5.36
N PHE B 186 13.94 -0.17 -4.10
CA PHE B 186 12.65 0.35 -3.68
C PHE B 186 12.25 1.58 -4.48
N LEU B 187 13.14 2.56 -4.58
CA LEU B 187 12.83 3.78 -5.32
C LEU B 187 12.58 3.49 -6.80
N LEU B 188 13.52 2.79 -7.44
CA LEU B 188 13.41 2.55 -8.88
C LEU B 188 12.23 1.63 -9.21
N GLY B 189 12.01 0.59 -8.41
CA GLY B 189 10.89 -0.29 -8.64
C GLY B 189 9.56 0.40 -8.44
N THR B 190 9.43 1.17 -7.35
CA THR B 190 8.20 1.92 -7.16
C THR B 190 7.92 2.84 -8.34
N THR B 191 8.90 3.65 -8.73
CA THR B 191 8.68 4.60 -9.82
C THR B 191 8.39 3.88 -11.13
N GLY B 192 9.24 2.92 -11.52
CA GLY B 192 9.08 2.28 -12.80
C GLY B 192 7.85 1.41 -12.90
N ASN B 193 7.53 0.68 -11.82
CA ASN B 193 6.34 -0.16 -11.82
C ASN B 193 5.08 0.68 -11.81
N GLY B 194 5.07 1.79 -11.06
CA GLY B 194 3.96 2.71 -11.16
C GLY B 194 3.79 3.27 -12.56
N LEU B 195 4.90 3.59 -13.21
CA LEU B 195 4.80 4.18 -14.55
C LEU B 195 4.35 3.14 -15.57
N VAL B 196 4.79 1.88 -15.42
CA VAL B 196 4.35 0.85 -16.36
C VAL B 196 2.89 0.49 -16.12
N LEU B 197 2.45 0.52 -14.87
CA LEU B 197 1.03 0.35 -14.59
C LEU B 197 0.22 1.49 -15.21
N TRP B 198 0.73 2.71 -15.11
CA TRP B 198 0.06 3.84 -15.76
C TRP B 198 0.02 3.67 -17.26
N THR B 199 1.09 3.14 -17.85
CA THR B 199 1.12 2.90 -19.28
C THR B 199 0.09 1.87 -19.70
N VAL B 200 0.08 0.72 -19.03
CA VAL B 200 -0.82 -0.36 -19.44
C VAL B 200 -2.27 0.02 -19.17
N PHE B 201 -2.52 0.77 -18.09
CA PHE B 201 -3.89 1.12 -17.74
C PHE B 201 -4.41 2.28 -18.58
N ARG B 202 -3.55 3.23 -18.94
CA ARG B 202 -4.02 4.35 -19.75
C ARG B 202 -4.35 3.92 -21.16
N SER B 203 -3.77 2.81 -21.62
CA SER B 203 -4.08 2.30 -22.96
C SER B 203 -5.53 1.85 -23.02
N SER B 204 -6.13 1.97 -24.20
CA SER B 204 -7.53 1.60 -24.37
C SER B 204 -7.73 0.13 -24.06
N ARG B 205 -8.86 -0.18 -23.42
CA ARG B 205 -9.16 -1.57 -23.06
C ARG B 205 -9.28 -2.42 -24.31
N GLU B 206 -9.90 -1.91 -25.37
CA GLU B 206 -9.91 -2.61 -26.64
C GLU B 206 -8.51 -2.75 -27.20
N LYS B 207 -7.70 -1.69 -27.08
CA LYS B 207 -6.32 -1.75 -27.56
C LYS B 207 -5.47 -2.64 -26.66
N ARG B 208 -5.86 -2.78 -25.40
CA ARG B 208 -5.09 -3.56 -24.43
C ARG B 208 -4.96 -5.00 -24.89
N ARG B 209 -3.73 -5.43 -25.14
CA ARG B 209 -3.46 -6.76 -25.65
C ARG B 209 -3.59 -7.80 -24.54
N SER B 210 -3.57 -9.07 -24.93
CA SER B 210 -3.63 -10.16 -23.96
C SER B 210 -2.39 -10.19 -23.08
N ALA B 211 -1.22 -9.83 -23.64
CA ALA B 211 -0.01 -9.80 -22.85
C ALA B 211 -0.02 -8.66 -21.84
N ASP B 212 -0.84 -7.63 -22.08
CA ASP B 212 -0.81 -6.44 -21.24
C ASP B 212 -1.32 -6.75 -19.83
N ILE B 213 -2.31 -7.63 -19.70
CA ILE B 213 -2.86 -7.88 -18.38
C ILE B 213 -1.89 -8.70 -17.54
N PHE B 214 -1.18 -9.65 -18.17
CA PHE B 214 -0.07 -10.30 -17.47
C PHE B 214 1.03 -9.32 -17.12
N ILE B 215 1.29 -8.34 -17.99
CA ILE B 215 2.30 -7.33 -17.67
C ILE B 215 1.88 -6.54 -16.44
N ALA B 216 0.60 -6.17 -16.37
CA ALA B 216 0.10 -5.42 -15.22
C ALA B 216 0.18 -6.24 -13.95
N SER B 217 -0.14 -7.54 -14.04
CA SER B 217 -0.01 -8.41 -12.88
C SER B 217 1.44 -8.50 -12.42
N LEU B 218 2.38 -8.61 -13.37
CA LEU B 218 3.80 -8.60 -13.04
C LEU B 218 4.19 -7.33 -12.31
N ALA B 219 3.73 -6.18 -12.82
CA ALA B 219 4.06 -4.91 -12.20
C ALA B 219 3.46 -4.79 -10.82
N VAL B 220 2.24 -5.30 -10.63
CA VAL B 220 1.59 -5.25 -9.32
C VAL B 220 2.35 -6.09 -8.32
N ALA B 221 2.78 -7.29 -8.74
CA ALA B 221 3.58 -8.13 -7.84
C ALA B 221 4.88 -7.43 -7.46
N ASP B 222 5.55 -6.83 -8.44
CA ASP B 222 6.77 -6.10 -8.15
C ASP B 222 6.53 -4.96 -7.18
N LEU B 223 5.43 -4.22 -7.36
CA LEU B 223 5.10 -3.12 -6.46
C LEU B 223 4.85 -3.62 -5.05
N THR B 224 4.04 -4.67 -4.92
CA THR B 224 3.72 -5.20 -3.60
C THR B 224 4.98 -5.65 -2.88
N PHE B 225 5.98 -6.12 -3.64
CA PHE B 225 7.24 -6.48 -2.99
C PHE B 225 8.06 -5.25 -2.61
N VAL B 226 8.13 -4.25 -3.49
CA VAL B 226 9.06 -3.15 -3.23
C VAL B 226 8.52 -2.25 -2.12
N VAL B 227 7.20 -2.27 -1.88
CA VAL B 227 6.70 -1.52 -0.73
C VAL B 227 7.21 -2.10 0.57
N THR B 228 7.35 -3.42 0.66
CA THR B 228 7.94 -4.04 1.84
C THR B 228 9.45 -4.00 1.84
N LEU B 229 10.07 -3.73 0.68
CA LEU B 229 11.53 -3.68 0.62
C LEU B 229 12.19 -2.72 1.63
N PRO B 230 11.66 -1.52 1.90
CA PRO B 230 12.30 -0.67 2.92
C PRO B 230 12.41 -1.33 4.28
N LEU B 231 11.42 -2.14 4.67
CA LEU B 231 11.51 -2.85 5.93
C LEU B 231 12.68 -3.84 5.92
N TRP B 232 12.90 -4.52 4.80
CA TRP B 232 14.05 -5.41 4.69
C TRP B 232 15.36 -4.63 4.72
N ALA B 233 15.38 -3.44 4.11
CA ALA B 233 16.58 -2.61 4.17
C ALA B 233 16.88 -2.20 5.61
N THR B 234 15.85 -1.83 6.36
CA THR B 234 16.04 -1.49 7.77
C THR B 234 16.48 -2.70 8.57
N TYR B 235 15.91 -3.88 8.25
CA TYR B 235 16.29 -5.12 8.90
C TYR B 235 17.77 -5.42 8.69
N THR B 236 18.24 -5.26 7.45
CA THR B 236 19.64 -5.53 7.14
C THR B 236 20.56 -4.48 7.77
N TYR B 237 20.12 -3.22 7.78
CA TYR B 237 20.95 -2.15 8.35
C TYR B 237 21.23 -2.40 9.83
N ARG B 238 20.21 -2.76 10.60
CA ARG B 238 20.37 -2.96 12.04
C ARG B 238 20.85 -4.35 12.39
N ASP B 239 21.90 -4.83 11.71
CA ASP B 239 22.50 -6.14 11.96
C ASP B 239 21.44 -7.23 12.17
N TYR B 240 20.45 -7.25 11.27
CA TYR B 240 19.37 -8.22 11.30
C TYR B 240 18.58 -8.17 12.61
N ASP B 241 17.92 -7.04 12.82
CA ASP B 241 17.02 -6.83 13.95
C ASP B 241 15.71 -6.31 13.37
N TRP B 242 14.60 -6.95 13.72
CA TRP B 242 13.31 -6.64 13.13
C TRP B 242 12.44 -5.89 14.13
N PRO B 243 12.22 -4.59 13.96
CA PRO B 243 11.40 -3.84 14.93
C PRO B 243 9.95 -3.64 14.53
N PHE B 244 9.50 -4.25 13.42
CA PHE B 244 8.16 -4.03 12.91
C PHE B 244 7.12 -5.04 13.40
N GLY B 245 7.52 -6.12 14.06
CA GLY B 245 6.59 -7.05 14.64
C GLY B 245 6.32 -8.28 13.79
N THR B 246 5.65 -9.26 14.42
CA THR B 246 5.41 -10.55 13.79
C THR B 246 4.44 -10.44 12.63
N PHE B 247 3.42 -9.58 12.74
CA PHE B 247 2.48 -9.43 11.65
C PHE B 247 3.17 -8.93 10.39
N PHE B 248 4.07 -7.94 10.55
CA PHE B 248 4.74 -7.41 9.37
C PHE B 248 5.84 -8.36 8.88
N CYS B 249 6.43 -9.15 9.78
CA CYS B 249 7.31 -10.22 9.32
C CYS B 249 6.55 -11.18 8.40
N LYS B 250 5.39 -11.65 8.86
CA LYS B 250 4.57 -12.54 8.06
C LYS B 250 4.17 -11.89 6.74
N LEU B 251 3.71 -10.64 6.80
CA LEU B 251 3.23 -9.96 5.59
C LEU B 251 4.36 -9.77 4.59
N SER B 252 5.53 -9.35 5.06
CA SER B 252 6.64 -9.06 4.16
C SER B 252 7.17 -10.34 3.51
N SER B 253 7.39 -11.39 4.31
CA SER B 253 7.86 -12.65 3.74
C SER B 253 6.83 -13.24 2.79
N TYR B 254 5.55 -13.20 3.18
CA TYR B 254 4.48 -13.69 2.34
C TYR B 254 4.41 -12.92 1.04
N LEU B 255 4.68 -11.62 1.08
CA LEU B 255 4.64 -10.82 -0.13
C LEU B 255 5.85 -11.11 -1.01
N ILE B 256 7.00 -11.43 -0.40
CA ILE B 256 8.13 -11.90 -1.21
C ILE B 256 7.76 -13.15 -1.99
N PHE B 257 7.15 -14.11 -1.30
CA PHE B 257 6.82 -15.37 -1.98
C PHE B 257 5.69 -15.18 -2.99
N VAL B 258 4.72 -14.32 -2.67
CA VAL B 258 3.66 -14.01 -3.62
C VAL B 258 4.25 -13.34 -4.85
N ASN B 259 5.19 -12.42 -4.66
CA ASN B 259 5.88 -11.80 -5.79
C ASN B 259 6.57 -12.84 -6.65
N MET B 260 7.33 -13.74 -6.03
CA MET B 260 8.03 -14.77 -6.79
C MET B 260 7.06 -15.63 -7.59
N TYR B 261 6.05 -16.17 -6.92
CA TYR B 261 5.13 -17.10 -7.58
C TYR B 261 4.32 -16.39 -8.65
N ALA B 262 3.79 -15.22 -8.35
CA ALA B 262 2.98 -14.51 -9.33
C ALA B 262 3.82 -14.08 -10.52
N SER B 263 5.06 -13.65 -10.29
CA SER B 263 5.91 -13.26 -11.41
C SER B 263 6.23 -14.45 -12.30
N VAL B 264 6.57 -15.59 -11.70
CA VAL B 264 6.89 -16.75 -12.53
C VAL B 264 5.65 -17.27 -13.25
N PHE B 265 4.49 -17.19 -12.60
CA PHE B 265 3.26 -17.61 -13.26
C PHE B 265 2.88 -16.68 -14.39
N CYS B 266 3.08 -15.37 -14.21
CA CYS B 266 2.79 -14.43 -15.28
C CYS B 266 3.75 -14.61 -16.45
N LEU B 267 5.03 -14.88 -16.15
CA LEU B 267 5.98 -15.15 -17.22
C LEU B 267 5.62 -16.44 -17.96
N THR B 268 5.17 -17.46 -17.22
CA THR B 268 4.72 -18.69 -17.86
C THR B 268 3.50 -18.44 -18.74
N GLY B 269 2.57 -17.61 -18.26
CA GLY B 269 1.40 -17.28 -19.06
C GLY B 269 1.74 -16.51 -20.31
N LEU B 270 2.69 -15.57 -20.20
CA LEU B 270 3.15 -14.83 -21.36
C LEU B 270 3.82 -15.75 -22.38
N SER B 271 4.66 -16.67 -21.89
CA SER B 271 5.33 -17.61 -22.78
C SER B 271 4.33 -18.51 -23.47
N PHE B 272 3.32 -18.99 -22.72
CA PHE B 272 2.32 -19.86 -23.32
C PHE B 272 1.43 -19.09 -24.29
N ASP B 273 1.18 -17.81 -24.01
CA ASP B 273 0.44 -16.97 -24.95
C ASP B 273 1.20 -16.83 -26.26
N ARG B 274 2.52 -16.59 -26.17
CA ARG B 274 3.33 -16.56 -27.38
C ARG B 274 3.33 -17.91 -28.07
N TYR B 275 3.26 -18.99 -27.29
CA TYR B 275 3.20 -20.33 -27.87
C TYR B 275 1.94 -20.51 -28.71
N LEU B 276 0.79 -20.21 -28.12
CA LEU B 276 -0.45 -20.38 -28.88
C LEU B 276 -0.63 -19.29 -29.94
N ALA B 277 0.23 -18.26 -29.94
CA ALA B 277 0.22 -17.26 -30.99
C ALA B 277 1.06 -17.66 -32.20
N ILE B 278 2.28 -18.13 -31.99
CA ILE B 278 3.17 -18.38 -33.14
C ILE B 278 3.07 -19.82 -33.61
N VAL B 279 3.13 -20.79 -32.68
CA VAL B 279 3.19 -22.19 -33.08
C VAL B 279 1.90 -22.62 -33.77
N ARG B 280 0.75 -22.19 -33.26
CA ARG B 280 -0.52 -22.49 -33.91
C ARG B 280 -1.46 -21.30 -33.75
N PRO B 281 -1.53 -20.43 -34.76
CA PRO B 281 -2.47 -19.31 -34.70
C PRO B 281 -3.93 -19.74 -34.69
N VAL B 282 -4.24 -20.94 -35.19
CA VAL B 282 -5.63 -21.35 -35.33
C VAL B 282 -6.27 -21.60 -33.96
N ALA B 283 -5.56 -22.28 -33.06
CA ALA B 283 -6.15 -22.67 -31.78
C ALA B 283 -6.12 -21.55 -30.75
N ASN B 284 -5.53 -20.41 -31.09
CA ASN B 284 -5.49 -19.29 -30.15
C ASN B 284 -6.90 -18.81 -29.81
N ALA B 285 -7.76 -18.68 -30.81
CA ALA B 285 -9.13 -18.23 -30.57
C ALA B 285 -9.90 -19.25 -29.75
N ARG B 286 -9.73 -20.54 -30.06
CA ARG B 286 -10.43 -21.58 -29.30
C ARG B 286 -10.00 -21.60 -27.85
N LEU B 287 -8.69 -21.48 -27.60
CA LEU B 287 -8.20 -21.52 -26.22
C LEU B 287 -8.56 -20.23 -25.47
N ARG B 288 -8.67 -19.11 -26.18
CA ARG B 288 -9.20 -17.91 -25.57
C ARG B 288 -10.66 -18.09 -25.17
N LEU B 289 -11.43 -18.76 -26.03
CA LEU B 289 -12.83 -19.04 -25.71
C LEU B 289 -12.94 -19.97 -24.50
N ARG B 290 -12.08 -20.99 -24.43
CA ARG B 290 -12.13 -21.93 -23.32
C ARG B 290 -11.81 -21.24 -21.99
N VAL B 291 -10.70 -20.51 -21.94
CA VAL B 291 -10.26 -19.83 -20.73
C VAL B 291 -10.00 -18.36 -21.08
N SER B 292 -10.65 -17.47 -20.34
CA SER B 292 -10.43 -16.05 -20.53
C SER B 292 -9.14 -15.61 -19.84
N GLY B 293 -8.57 -14.50 -20.34
CA GLY B 293 -7.35 -14.00 -19.75
C GLY B 293 -7.51 -13.55 -18.31
N ALA B 294 -8.59 -12.81 -18.03
CA ALA B 294 -8.83 -12.34 -16.66
C ALA B 294 -9.05 -13.52 -15.73
N VAL B 295 -9.76 -14.55 -16.20
CA VAL B 295 -9.91 -15.76 -15.41
C VAL B 295 -8.55 -16.38 -15.13
N ALA B 296 -7.66 -16.39 -16.13
CA ALA B 296 -6.33 -16.96 -15.94
C ALA B 296 -5.54 -16.20 -14.89
N THR B 297 -5.58 -14.87 -14.93
CA THR B 297 -4.86 -14.07 -13.95
C THR B 297 -5.45 -14.25 -12.55
N ALA B 298 -6.77 -14.32 -12.43
CA ALA B 298 -7.38 -14.57 -11.14
C ALA B 298 -6.94 -15.91 -10.58
N VAL B 299 -6.93 -16.94 -11.43
CA VAL B 299 -6.51 -18.27 -11.00
C VAL B 299 -5.06 -18.26 -10.55
N LEU B 300 -4.19 -17.60 -11.32
CA LEU B 300 -2.77 -17.59 -10.93
C LEU B 300 -2.56 -16.80 -9.65
N TRP B 301 -3.31 -15.72 -9.44
CA TRP B 301 -3.14 -14.94 -8.22
C TRP B 301 -3.63 -15.70 -7.00
N VAL B 302 -4.77 -16.38 -7.10
CA VAL B 302 -5.22 -17.18 -5.96
C VAL B 302 -4.28 -18.35 -5.72
N LEU B 303 -3.72 -18.92 -6.78
CA LEU B 303 -2.75 -19.99 -6.62
C LEU B 303 -1.50 -19.49 -5.91
N ALA B 304 -1.01 -18.32 -6.28
CA ALA B 304 0.16 -17.74 -5.62
C ALA B 304 -0.12 -17.47 -4.15
N ALA B 305 -1.30 -16.92 -3.85
CA ALA B 305 -1.66 -16.66 -2.46
C ALA B 305 -1.71 -17.94 -1.64
N LEU B 306 -2.34 -18.99 -2.18
CA LEU B 306 -2.41 -20.25 -1.45
C LEU B 306 -1.04 -20.88 -1.29
N LEU B 307 -0.20 -20.82 -2.32
CA LEU B 307 1.12 -21.42 -2.23
C LEU B 307 2.02 -20.69 -1.25
N ALA B 308 1.86 -19.37 -1.14
CA ALA B 308 2.62 -18.59 -0.18
C ALA B 308 2.02 -18.59 1.21
N MET B 309 0.80 -19.09 1.37
CA MET B 309 0.20 -19.18 2.70
C MET B 309 1.05 -19.90 3.73
N PRO B 310 1.77 -20.99 3.41
CA PRO B 310 2.66 -21.58 4.43
C PRO B 310 3.67 -20.60 4.97
N VAL B 311 4.15 -19.69 4.13
CA VAL B 311 5.06 -18.64 4.61
C VAL B 311 4.36 -17.76 5.63
N MET B 312 3.13 -17.35 5.34
CA MET B 312 2.40 -16.49 6.27
C MET B 312 2.15 -17.21 7.60
N VAL B 313 1.82 -18.49 7.53
CA VAL B 313 1.52 -19.24 8.74
C VAL B 313 2.77 -19.47 9.58
N LEU B 314 3.89 -19.81 8.94
CA LEU B 314 5.04 -20.32 9.68
C LEU B 314 6.02 -19.24 10.12
N ARG B 315 5.84 -17.99 9.69
CA ARG B 315 6.76 -16.92 10.06
C ARG B 315 6.53 -16.47 11.49
N THR B 316 7.61 -16.19 12.21
CA THR B 316 7.53 -15.67 13.56
C THR B 316 8.77 -14.83 13.83
N THR B 317 8.61 -13.85 14.72
CA THR B 317 9.72 -13.03 15.18
C THR B 317 10.17 -13.52 16.56
N GLY B 318 11.47 -13.72 16.71
CA GLY B 318 12.00 -14.22 17.96
C GLY B 318 13.38 -13.68 18.23
N ASP B 319 13.75 -13.67 19.51
CA ASP B 319 15.06 -13.17 19.95
C ASP B 319 16.03 -14.35 20.08
N LEU B 320 16.40 -14.90 18.92
CA LEU B 320 17.29 -16.05 18.90
C LEU B 320 18.69 -15.65 19.34
N GLU B 321 19.48 -16.67 19.67
CA GLU B 321 20.86 -16.54 20.17
C GLU B 321 20.93 -15.74 21.46
N ASN B 322 19.81 -15.55 22.16
CA ASN B 322 19.72 -14.86 23.44
C ASN B 322 20.21 -13.41 23.37
N THR B 323 20.41 -12.87 22.17
CA THR B 323 20.74 -11.47 22.04
C THR B 323 19.47 -10.63 21.94
N THR B 324 19.62 -9.32 22.11
CA THR B 324 18.47 -8.43 22.03
C THR B 324 17.90 -8.32 20.63
N LYS B 325 18.60 -8.82 19.62
CA LYS B 325 18.12 -8.73 18.26
C LYS B 325 16.90 -9.62 18.05
N VAL B 326 15.98 -9.16 17.20
CA VAL B 326 14.78 -9.91 16.85
C VAL B 326 14.87 -10.27 15.37
N GLN B 327 14.83 -11.56 15.07
CA GLN B 327 15.00 -12.08 13.72
C GLN B 327 13.68 -12.59 13.19
N CYS B 328 13.34 -12.18 11.98
CA CYS B 328 12.12 -12.65 11.31
C CYS B 328 12.46 -13.96 10.60
N TYR B 329 12.02 -15.09 11.17
CA TYR B 329 12.45 -16.40 10.74
C TYR B 329 11.26 -17.32 10.52
N MET B 330 11.57 -18.57 10.16
CA MET B 330 10.59 -19.61 9.92
C MET B 330 10.53 -20.55 11.12
N ASP B 331 9.36 -20.70 11.70
CA ASP B 331 9.15 -21.59 12.85
C ASP B 331 8.45 -22.85 12.35
N TYR B 332 9.22 -23.94 12.21
CA TYR B 332 8.65 -25.21 11.80
C TYR B 332 8.18 -26.04 12.99
N SER B 333 8.33 -25.53 14.21
CA SER B 333 7.92 -26.29 15.38
C SER B 333 6.40 -26.37 15.50
N MET B 334 5.68 -25.43 14.89
CA MET B 334 4.22 -25.44 14.96
C MET B 334 3.61 -26.52 14.06
N VAL B 335 4.36 -27.03 13.09
CA VAL B 335 3.85 -28.06 12.19
C VAL B 335 4.65 -29.35 12.25
N ALA B 336 5.80 -29.37 12.92
CA ALA B 336 6.61 -30.57 13.02
C ALA B 336 7.42 -30.53 14.30
N THR B 337 7.87 -31.71 14.73
CA THR B 337 8.71 -31.80 15.90
C THR B 337 10.14 -31.37 15.57
N VAL B 338 10.97 -31.29 16.61
CA VAL B 338 12.36 -30.90 16.42
C VAL B 338 13.10 -31.92 15.57
N SER B 339 12.85 -33.21 15.81
CA SER B 339 13.51 -34.24 15.03
C SER B 339 13.10 -34.20 13.55
N SER B 340 11.82 -33.93 13.28
CA SER B 340 11.30 -33.91 11.92
C SER B 340 11.19 -32.51 11.35
N GLU B 341 11.81 -31.52 11.99
CA GLU B 341 11.81 -30.17 11.44
C GLU B 341 12.56 -30.12 10.12
N TRP B 342 13.61 -30.94 9.98
CA TRP B 342 14.36 -30.99 8.74
C TRP B 342 13.49 -31.45 7.58
N ALA B 343 12.61 -32.43 7.83
CA ALA B 343 11.74 -32.92 6.77
C ALA B 343 10.81 -31.82 6.29
N TRP B 344 10.23 -31.06 7.21
CA TRP B 344 9.33 -29.97 6.82
C TRP B 344 10.10 -28.86 6.10
N GLU B 345 11.30 -28.52 6.58
CA GLU B 345 12.08 -27.47 5.93
C GLU B 345 12.47 -27.87 4.51
N VAL B 346 12.97 -29.10 4.35
CA VAL B 346 13.37 -29.57 3.02
C VAL B 346 12.16 -29.69 2.12
N GLY B 347 11.04 -30.17 2.64
CA GLY B 347 9.84 -30.27 1.83
C GLY B 347 9.37 -28.91 1.34
N LEU B 348 9.31 -27.93 2.25
CA LEU B 348 8.88 -26.60 1.86
C LEU B 348 9.84 -25.98 0.85
N GLY B 349 11.15 -26.11 1.08
CA GLY B 349 12.11 -25.55 0.15
C GLY B 349 12.05 -26.21 -1.22
N VAL B 350 11.99 -27.54 -1.26
CA VAL B 350 11.98 -28.25 -2.53
C VAL B 350 10.69 -27.99 -3.28
N SER B 351 9.56 -27.95 -2.58
CA SER B 351 8.30 -27.63 -3.23
C SER B 351 8.30 -26.20 -3.75
N SER B 352 8.84 -25.26 -2.96
CA SER B 352 8.93 -23.88 -3.42
C SER B 352 9.77 -23.77 -4.67
N THR B 353 10.93 -24.43 -4.69
CA THR B 353 11.75 -24.44 -5.90
C THR B 353 11.01 -25.09 -7.06
N THR B 354 10.32 -26.20 -6.81
CA THR B 354 9.68 -26.93 -7.90
C THR B 354 8.57 -26.13 -8.54
N VAL B 355 7.75 -25.42 -7.75
CA VAL B 355 6.64 -24.67 -8.31
C VAL B 355 6.98 -23.20 -8.51
N GLY B 356 8.21 -22.78 -8.23
CA GLY B 356 8.59 -21.41 -8.52
C GLY B 356 9.64 -21.28 -9.61
N PHE B 357 10.51 -22.27 -9.76
CA PHE B 357 11.52 -22.25 -10.81
C PHE B 357 11.39 -23.45 -11.73
N VAL B 358 11.39 -24.67 -11.18
CA VAL B 358 11.64 -25.87 -11.97
C VAL B 358 10.51 -26.14 -12.96
N VAL B 359 9.31 -26.43 -12.45
CA VAL B 359 8.18 -26.71 -13.34
C VAL B 359 7.80 -25.53 -14.20
N PRO B 360 7.64 -24.30 -13.67
CA PRO B 360 7.33 -23.17 -14.56
C PRO B 360 8.37 -22.96 -15.64
N PHE B 361 9.66 -23.10 -15.32
CA PHE B 361 10.67 -22.95 -16.36
C PHE B 361 10.67 -24.13 -17.31
N THR B 362 10.26 -25.30 -16.84
CA THR B 362 10.15 -26.45 -17.74
C THR B 362 9.08 -26.21 -18.79
N ILE B 363 7.90 -25.74 -18.37
CA ILE B 363 6.85 -25.48 -19.34
C ILE B 363 7.22 -24.29 -20.23
N MET B 364 7.88 -23.27 -19.65
CA MET B 364 8.35 -22.15 -20.45
C MET B 364 9.34 -22.61 -21.50
N LEU B 365 10.25 -23.51 -21.14
CA LEU B 365 11.25 -23.99 -22.09
C LEU B 365 10.62 -24.87 -23.15
N THR B 366 9.60 -25.65 -22.80
CA THR B 366 8.92 -26.45 -23.81
C THR B 366 8.21 -25.54 -24.83
N CYS B 367 7.48 -24.54 -24.32
CA CYS B 367 6.83 -23.59 -25.20
C CYS B 367 7.85 -22.85 -26.06
N TYR B 368 8.97 -22.45 -25.46
CA TYR B 368 9.99 -21.73 -26.21
C TYR B 368 10.67 -22.63 -27.24
N PHE B 369 10.82 -23.92 -26.93
CA PHE B 369 11.44 -24.83 -27.88
C PHE B 369 10.56 -24.99 -29.11
N PHE B 370 9.26 -25.20 -28.90
CA PHE B 370 8.40 -25.32 -30.06
C PHE B 370 8.25 -23.98 -30.79
N ILE B 371 8.27 -22.87 -30.04
CA ILE B 371 8.25 -21.54 -30.67
C ILE B 371 9.48 -21.36 -31.55
N ALA B 372 10.65 -21.74 -31.02
CA ALA B 372 11.89 -21.57 -31.76
C ALA B 372 11.91 -22.46 -33.00
N GLN B 373 11.40 -23.67 -32.89
CA GLN B 373 11.30 -24.53 -34.08
C GLN B 373 10.37 -23.92 -35.12
N THR B 374 9.23 -23.38 -34.68
CA THR B 374 8.29 -22.77 -35.62
C THR B 374 8.92 -21.56 -36.31
N ILE B 375 9.64 -20.73 -35.55
CA ILE B 375 10.30 -19.58 -36.15
C ILE B 375 11.43 -20.01 -37.06
N ALA B 376 12.17 -21.05 -36.70
CA ALA B 376 13.24 -21.55 -37.56
C ALA B 376 12.68 -22.13 -38.84
N GLY B 377 11.41 -22.53 -38.83
CA GLY B 377 10.77 -22.92 -40.07
C GLY B 377 10.86 -21.82 -41.12
N HIS B 378 10.60 -20.57 -40.71
CA HIS B 378 10.83 -19.44 -41.61
C HIS B 378 12.32 -19.13 -41.72
N PHE B 379 13.03 -19.15 -40.60
CA PHE B 379 14.48 -18.94 -40.58
C PHE B 379 15.23 -20.22 -40.90
N ARG B 380 14.83 -20.87 -42.00
CA ARG B 380 15.57 -22.04 -42.49
C ARG B 380 17.04 -21.70 -42.72
N LYS B 381 17.32 -20.48 -43.18
CA LYS B 381 18.67 -19.98 -43.32
C LYS B 381 19.00 -19.03 -42.16
N GLU B 382 20.29 -18.87 -41.89
CA GLU B 382 20.73 -18.02 -40.80
C GLU B 382 20.46 -16.56 -41.12
N ARG B 383 19.53 -15.95 -40.38
CA ARG B 383 19.18 -14.54 -40.54
C ARG B 383 19.20 -13.89 -39.16
N ILE B 384 20.15 -12.97 -38.94
CA ILE B 384 20.20 -12.25 -37.68
C ILE B 384 19.03 -11.28 -37.61
N GLU B 385 18.61 -10.95 -36.38
CA GLU B 385 17.52 -10.03 -36.12
C GLU B 385 16.19 -10.64 -36.58
N GLY B 386 15.09 -9.92 -36.37
CA GLY B 386 13.79 -10.43 -36.76
C GLY B 386 12.86 -9.30 -37.17
N LEU B 387 11.78 -9.69 -37.85
CA LEU B 387 10.74 -8.75 -38.25
C LEU B 387 10.07 -8.21 -36.99
N ARG B 388 10.33 -6.94 -36.67
CA ARG B 388 9.92 -6.39 -35.38
C ARG B 388 8.42 -6.50 -35.17
N LYS B 389 7.63 -6.40 -36.24
CA LYS B 389 6.17 -6.41 -36.15
C LYS B 389 5.66 -7.59 -35.33
N ARG B 390 6.16 -8.79 -35.61
CA ARG B 390 5.83 -9.97 -34.83
C ARG B 390 6.86 -10.27 -33.75
N ARG B 391 8.05 -9.68 -33.85
CA ARG B 391 9.11 -10.00 -32.90
C ARG B 391 8.87 -9.35 -31.54
N ARG B 392 8.42 -8.09 -31.53
CA ARG B 392 8.44 -7.25 -30.34
C ARG B 392 8.03 -7.96 -29.05
N LEU B 393 6.84 -8.54 -29.05
CA LEU B 393 6.33 -9.19 -27.83
C LEU B 393 7.21 -10.36 -27.43
N LEU B 394 7.58 -11.20 -28.40
CA LEU B 394 8.42 -12.34 -28.09
C LEU B 394 9.78 -11.90 -27.56
N SER B 395 10.37 -10.88 -28.17
CA SER B 395 11.67 -10.40 -27.74
C SER B 395 11.61 -9.88 -26.32
N ILE B 396 10.60 -9.05 -26.00
CA ILE B 396 10.53 -8.50 -24.65
C ILE B 396 10.22 -9.59 -23.63
N ILE B 397 9.37 -10.55 -23.98
CA ILE B 397 9.04 -11.63 -23.05
C ILE B 397 10.25 -12.53 -22.82
N VAL B 398 11.03 -12.77 -23.88
CA VAL B 398 12.23 -13.60 -23.73
C VAL B 398 13.27 -12.90 -22.88
N VAL B 399 13.45 -11.58 -23.07
CA VAL B 399 14.40 -10.86 -22.22
C VAL B 399 13.90 -10.83 -20.77
N LEU B 400 12.60 -10.69 -20.56
CA LEU B 400 12.07 -10.76 -19.20
C LEU B 400 12.32 -12.12 -18.57
N VAL B 401 12.10 -13.20 -19.34
CA VAL B 401 12.32 -14.54 -18.82
C VAL B 401 13.80 -14.78 -18.54
N VAL B 402 14.68 -14.31 -19.42
CA VAL B 402 16.11 -14.51 -19.24
C VAL B 402 16.60 -13.72 -18.03
N THR B 403 16.09 -12.50 -17.83
CA THR B 403 16.51 -11.73 -16.67
C THR B 403 15.93 -12.32 -15.38
N PHE B 404 14.71 -12.87 -15.44
CA PHE B 404 14.16 -13.55 -14.27
C PHE B 404 15.01 -14.76 -13.91
N ALA B 405 15.44 -15.51 -14.94
CA ALA B 405 16.34 -16.63 -14.71
C ALA B 405 17.65 -16.17 -14.09
N LEU B 406 18.29 -15.16 -14.68
CA LEU B 406 19.57 -14.71 -14.18
C LEU B 406 19.47 -14.12 -12.78
N CYS B 407 18.31 -13.61 -12.40
CA CYS B 407 18.16 -13.00 -11.08
C CYS B 407 17.70 -13.98 -10.01
N TRP B 408 16.95 -15.02 -10.37
CA TRP B 408 16.41 -15.94 -9.37
C TRP B 408 17.14 -17.28 -9.34
N MET B 409 17.71 -17.73 -10.46
CA MET B 409 18.46 -18.99 -10.47
C MET B 409 19.59 -19.03 -9.45
N PRO B 410 20.37 -17.96 -9.23
CA PRO B 410 21.35 -18.03 -8.14
C PRO B 410 20.73 -18.34 -6.79
N TYR B 411 19.59 -17.72 -6.48
CA TYR B 411 18.95 -17.93 -5.18
C TYR B 411 18.47 -19.37 -5.03
N HIS B 412 17.73 -19.86 -6.03
CA HIS B 412 17.23 -21.23 -5.98
C HIS B 412 18.38 -22.23 -5.98
N LEU B 413 19.43 -21.96 -6.76
CA LEU B 413 20.55 -22.87 -6.84
C LEU B 413 21.27 -22.98 -5.50
N VAL B 414 21.54 -21.84 -4.85
CA VAL B 414 22.23 -21.87 -3.56
C VAL B 414 21.33 -22.51 -2.50
N LYS B 415 20.03 -22.20 -2.53
CA LYS B 415 19.11 -22.79 -1.57
C LYS B 415 19.07 -24.31 -1.71
N THR B 416 18.91 -24.80 -2.94
CA THR B 416 18.85 -26.23 -3.19
C THR B 416 20.18 -26.90 -2.86
N LEU B 417 21.29 -26.24 -3.16
CA LEU B 417 22.59 -26.85 -2.87
C LEU B 417 22.82 -26.94 -1.36
N TYR B 418 22.40 -25.93 -0.61
CA TYR B 418 22.52 -26.00 0.84
C TYR B 418 21.64 -27.11 1.41
N MET B 419 20.39 -27.19 0.96
CA MET B 419 19.50 -28.24 1.45
C MET B 419 20.02 -29.63 1.07
N LEU B 420 20.59 -29.76 -0.12
CA LEU B 420 21.18 -31.03 -0.54
C LEU B 420 22.41 -31.37 0.28
N GLY B 421 23.25 -30.38 0.59
CA GLY B 421 24.43 -30.65 1.39
C GLY B 421 24.09 -30.95 2.83
N SER B 422 22.88 -30.57 3.26
CA SER B 422 22.41 -31.01 4.58
C SER B 422 22.35 -32.54 4.65
N LEU B 423 22.26 -33.23 3.50
CA LEU B 423 22.30 -34.68 3.48
C LEU B 423 23.65 -35.20 2.95
N LEU B 424 24.05 -34.75 1.77
CA LEU B 424 25.23 -35.28 1.12
C LEU B 424 26.51 -34.79 1.77
N HIS B 425 26.42 -33.76 2.62
CA HIS B 425 27.57 -33.23 3.35
C HIS B 425 28.68 -32.75 2.42
N TRP B 426 28.42 -31.68 1.67
CA TRP B 426 29.45 -31.02 0.90
C TRP B 426 30.64 -30.66 1.80
N PRO B 427 31.81 -30.42 1.21
CA PRO B 427 32.95 -29.94 2.00
C PRO B 427 32.61 -28.63 2.70
N CYS B 428 33.22 -28.44 3.87
CA CYS B 428 32.85 -27.33 4.74
C CYS B 428 33.09 -25.99 4.06
N ASP B 429 34.19 -25.88 3.30
CA ASP B 429 34.51 -24.62 2.63
C ASP B 429 33.40 -24.22 1.64
N PHE B 430 32.88 -25.21 0.91
CA PHE B 430 31.82 -24.91 -0.06
C PHE B 430 30.54 -24.47 0.64
N ASP B 431 30.22 -25.08 1.79
CA ASP B 431 29.06 -24.65 2.56
C ASP B 431 29.22 -23.22 3.06
N LEU B 432 30.43 -22.89 3.54
CA LEU B 432 30.71 -21.52 3.95
C LEU B 432 30.58 -20.56 2.76
N PHE B 433 31.05 -20.97 1.59
CA PHE B 433 30.92 -20.14 0.41
C PHE B 433 29.45 -19.87 0.09
N LEU B 434 28.62 -20.91 0.16
CA LEU B 434 27.20 -20.74 -0.11
C LEU B 434 26.56 -19.80 0.90
N MET B 435 26.90 -19.95 2.18
CA MET B 435 26.33 -19.09 3.21
C MET B 435 26.75 -17.64 2.99
N ASN B 436 28.01 -17.42 2.60
CA ASN B 436 28.51 -16.08 2.34
C ASN B 436 27.82 -15.47 1.12
N ILE B 437 27.54 -16.27 0.10
CA ILE B 437 26.97 -15.75 -1.13
C ILE B 437 25.46 -15.62 -1.10
N PHE B 438 24.79 -16.23 -0.12
CA PHE B 438 23.32 -16.18 -0.09
C PHE B 438 22.75 -14.76 -0.05
N PRO B 439 23.24 -13.84 0.80
CA PRO B 439 22.63 -12.49 0.82
C PRO B 439 22.66 -11.81 -0.53
N TYR B 440 23.74 -11.98 -1.30
CA TYR B 440 23.83 -11.32 -2.58
C TYR B 440 22.90 -11.96 -3.60
N CYS B 441 22.70 -13.28 -3.54
CA CYS B 441 21.73 -13.92 -4.40
C CYS B 441 20.32 -13.41 -4.12
N THR B 442 19.98 -13.27 -2.83
CA THR B 442 18.71 -12.66 -2.47
C THR B 442 18.62 -11.24 -3.00
N CYS B 443 19.73 -10.51 -2.95
CA CYS B 443 19.75 -9.13 -3.41
C CYS B 443 19.45 -9.04 -4.90
N ILE B 444 20.05 -9.91 -5.71
CA ILE B 444 19.77 -9.91 -7.15
C ILE B 444 18.32 -10.29 -7.43
N SER B 445 17.83 -11.31 -6.71
CA SER B 445 16.43 -11.70 -6.87
C SER B 445 15.51 -10.53 -6.58
N TYR B 446 15.89 -9.67 -5.63
CA TYR B 446 15.10 -8.49 -5.35
C TYR B 446 15.31 -7.40 -6.39
N VAL B 447 16.49 -7.36 -7.01
CA VAL B 447 16.78 -6.35 -8.03
C VAL B 447 15.88 -6.56 -9.25
N ASN B 448 15.59 -7.83 -9.58
CA ASN B 448 14.77 -8.14 -10.75
C ASN B 448 13.50 -7.27 -10.83
N SER B 449 12.88 -7.02 -9.68
CA SER B 449 11.60 -6.31 -9.65
C SER B 449 11.74 -4.91 -10.22
N CYS B 450 12.77 -4.18 -9.82
CA CYS B 450 13.04 -2.88 -10.42
C CYS B 450 13.65 -2.99 -11.81
N LEU B 451 14.30 -4.12 -12.11
CA LEU B 451 14.97 -4.26 -13.40
C LEU B 451 13.98 -4.32 -14.55
N ASN B 452 12.82 -4.94 -14.33
CA ASN B 452 11.86 -5.10 -15.43
C ASN B 452 11.49 -3.79 -16.13
N PRO B 453 11.17 -2.68 -15.43
CA PRO B 453 10.83 -1.44 -16.14
C PRO B 453 11.91 -0.90 -17.08
N PHE B 454 13.18 -0.95 -16.71
CA PHE B 454 14.21 -0.48 -17.64
C PHE B 454 14.31 -1.37 -18.87
N LEU B 455 14.06 -2.68 -18.71
CA LEU B 455 13.93 -3.53 -19.88
C LEU B 455 12.77 -3.10 -20.75
N TYR B 456 11.65 -2.72 -20.14
CA TYR B 456 10.50 -2.24 -20.90
C TYR B 456 10.81 -0.94 -21.62
N ALA B 457 11.69 -0.12 -21.05
CA ALA B 457 12.09 1.14 -21.68
C ALA B 457 13.13 0.96 -22.76
N PHE B 458 13.63 -0.26 -22.97
CA PHE B 458 14.61 -0.55 -24.00
C PHE B 458 14.05 -1.31 -25.19
N PHE B 459 13.10 -2.22 -24.96
CA PHE B 459 12.41 -2.95 -26.02
C PHE B 459 10.95 -2.54 -26.01
N ASP B 460 10.19 -3.02 -27.00
CA ASP B 460 8.74 -2.87 -27.00
C ASP B 460 8.35 -1.40 -26.93
N PRO B 461 8.49 -0.65 -28.02
CA PRO B 461 8.42 0.82 -27.94
C PRO B 461 7.15 1.38 -27.31
N ARG B 462 6.20 0.52 -26.91
CA ARG B 462 5.06 0.93 -26.09
C ARG B 462 5.51 1.80 -24.92
N PHE B 463 6.38 1.26 -24.08
CA PHE B 463 6.81 1.93 -22.86
C PHE B 463 7.57 3.22 -23.17
N ARG B 464 8.42 3.20 -24.19
CA ARG B 464 9.22 4.38 -24.52
C ARG B 464 8.33 5.49 -25.08
N GLN B 465 7.40 5.11 -25.96
CA GLN B 465 6.47 6.11 -26.55
C GLN B 465 5.53 6.64 -25.45
N ALA B 466 5.18 5.80 -24.48
CA ALA B 466 4.31 6.25 -23.37
C ALA B 466 4.96 7.46 -22.70
N CYS B 467 6.27 7.41 -22.53
CA CYS B 467 7.03 8.52 -21.90
C CYS B 467 6.94 9.77 -22.80
N THR B 468 7.09 9.59 -24.12
CA THR B 468 7.00 10.72 -25.06
C THR B 468 5.62 11.33 -24.96
N SER B 469 4.59 10.50 -24.79
CA SER B 469 3.20 11.00 -24.64
C SER B 469 2.90 11.30 -23.16
C1 CLR C . -8.94 -9.39 7.78
C2 CLR C . -9.66 -9.64 6.46
C3 CLR C . -9.58 -8.42 5.57
C4 CLR C . -8.12 -8.05 5.32
C5 CLR C . -7.37 -7.86 6.61
C6 CLR C . -6.70 -6.73 6.84
C7 CLR C . -5.90 -6.43 8.05
C8 CLR C . -5.64 -7.69 8.89
C9 CLR C . -6.93 -8.50 9.00
C10 CLR C . -7.45 -8.99 7.62
C11 CLR C . -6.79 -9.64 10.03
C12 CLR C . -6.23 -9.19 11.37
C13 CLR C . -4.88 -8.49 11.19
C14 CLR C . -5.15 -7.30 10.28
C15 CLR C . -3.90 -6.44 10.36
C16 CLR C . -3.32 -6.76 11.75
C17 CLR C . -4.30 -7.74 12.42
C18 CLR C . -3.83 -9.46 10.64
C19 CLR C . -6.64 -10.18 7.10
C20 CLR C . -3.67 -8.54 13.56
C21 CLR C . -4.65 -8.88 14.68
C22 CLR C . -2.46 -7.80 14.13
C23 CLR C . -1.43 -8.67 14.82
C24 CLR C . -0.32 -7.83 15.43
C25 CLR C . 0.75 -8.60 16.19
C26 CLR C . 0.27 -8.93 17.61
C27 CLR C . 2.09 -7.86 16.24
O1 CLR C . -10.26 -8.70 4.36
C1 CLR D . 12.55 7.81 1.76
C2 CLR D . 12.14 8.77 0.64
C3 CLR D . 10.98 8.21 -0.14
C4 CLR D . 9.82 7.90 0.80
C5 CLR D . 10.22 7.00 1.93
C6 CLR D . 9.65 5.81 2.08
C7 CLR D . 9.96 4.85 3.17
C8 CLR D . 10.77 5.50 4.28
C9 CLR D . 11.93 6.31 3.66
C10 CLR D . 11.43 7.45 2.75
C11 CLR D . 12.90 6.80 4.74
C12 CLR D . 13.36 5.71 5.73
C13 CLR D . 12.17 5.00 6.37
C14 CLR D . 11.34 4.44 5.20
C15 CLR D . 10.39 3.42 5.81
C16 CLR D . 11.08 2.99 7.12
C17 CLR D . 12.46 3.69 7.14
C18 CLR D . 11.36 5.96 7.25
C19 CLR D . 11.03 8.70 3.55
C20 CLR D . 13.06 3.77 8.55
C21 CLR D . 14.59 3.73 8.56
C22 CLR D . 12.50 2.66 9.43
C23 CLR D . 12.78 2.81 10.92
C24 CLR D . 12.20 1.67 11.74
C25 CLR D . 12.00 1.99 13.22
C26 CLR D . 13.34 2.17 13.91
C27 CLR D . 11.15 0.95 13.94
O1 CLR D . 10.62 9.13 -1.14
#